data_2UUY
#
_entry.id   2UUY
#
_cell.length_a   46.949
_cell.length_b   67.690
_cell.length_c   69.068
_cell.angle_alpha   90.00
_cell.angle_beta   90.00
_cell.angle_gamma   90.00
#
_symmetry.space_group_name_H-M   'P 21 21 21'
#
loop_
_entity.id
_entity.type
_entity.pdbx_description
1 polymer 'CATIONIC TRYPSIN'
2 polymer 'TRYPTASE INHIBITOR'
3 non-polymer 'CALCIUM ION'
4 non-polymer 'CHLORIDE ION'
5 water water
#
loop_
_entity_poly.entity_id
_entity_poly.type
_entity_poly.pdbx_seq_one_letter_code
_entity_poly.pdbx_strand_id
1 'polypeptide(L)'
;IVGGYTCGANTVPYQVSLNSGYHFCGGSLINSQWVVSAAHCYKSGIQVRLGEDNINVVEGNEQFISASKSIVHPSYNSNT
LNNDIMLIKLKSAASLNSRVASISLPTSCASAGTQCLISGWGNTKSSGTSYPDVLKCLKAPILSDSSCKSAYPGQITSNM
FCAGYLEGGKDSCQGDSGGPVVCSGKLQGIVSWGSGCAQKNKPGVYTKVCNYVSWIKQTIASN
;
A
2 'polypeptide(L)' CTVPIGWSEPVKGLCKARFTRYYCMGNCCKVYEGCYTGGYSRMGECARNCPA B
#
# COMPACT_ATOMS: atom_id res chain seq x y z
N ILE A 1 7.54 6.20 1.11
CA ILE A 1 7.74 7.13 -0.05
C ILE A 1 9.19 7.52 -0.08
N VAL A 2 9.84 7.24 -1.20
CA VAL A 2 11.23 7.60 -1.43
C VAL A 2 11.28 8.82 -2.33
N GLY A 3 12.09 9.81 -1.95
CA GLY A 3 12.29 11.00 -2.79
C GLY A 3 11.17 12.00 -2.75
N GLY A 4 10.31 11.89 -1.73
CA GLY A 4 9.22 12.82 -1.55
C GLY A 4 9.41 13.80 -0.41
N TYR A 5 8.30 14.26 0.14
CA TYR A 5 8.33 15.39 1.07
C TYR A 5 7.22 15.22 2.09
N THR A 6 7.15 16.11 3.05
CA THR A 6 6.13 16.09 4.08
C THR A 6 4.83 16.67 3.59
N CYS A 7 3.77 15.88 3.59
CA CYS A 7 2.50 16.34 3.09
C CYS A 7 1.98 17.54 3.85
N GLY A 8 2.08 17.46 5.17
CA GLY A 8 1.46 18.44 6.05
C GLY A 8 0.28 17.79 6.74
N ALA A 9 0.12 18.09 8.01
CA ALA A 9 -0.81 17.35 8.87
C ALA A 9 -2.24 17.41 8.36
N ASN A 10 -2.83 16.22 8.16
CA ASN A 10 -4.22 16.05 7.77
C ASN A 10 -4.59 16.67 6.42
N THR A 11 -3.57 16.96 5.59
CA THR A 11 -3.81 17.45 4.26
C THR A 11 -4.21 16.39 3.25
N VAL A 12 -4.08 15.14 3.65
CA VAL A 12 -4.52 13.99 2.86
C VAL A 12 -5.56 13.28 3.72
N PRO A 13 -6.76 13.88 3.87
CA PRO A 13 -7.65 13.43 4.95
C PRO A 13 -8.32 12.08 4.73
N TYR A 14 -8.18 11.56 3.52
CA TYR A 14 -8.66 10.23 3.15
C TYR A 14 -7.60 9.14 3.39
N GLN A 15 -6.37 9.53 3.72
CA GLN A 15 -5.31 8.57 3.98
C GLN A 15 -5.52 7.91 5.30
N VAL A 16 -5.51 6.57 5.30
CA VAL A 16 -5.56 5.82 6.56
CA VAL A 16 -5.57 5.80 6.54
C VAL A 16 -4.33 4.95 6.72
N SER A 17 -4.05 4.61 7.97
CA SER A 17 -3.04 3.65 8.33
C SER A 17 -3.74 2.40 8.80
N LEU A 18 -3.32 1.24 8.27
CA LEU A 18 -3.76 -0.06 8.77
C LEU A 18 -2.72 -0.55 9.76
N ASN A 19 -3.21 -0.87 10.94
CA ASN A 19 -2.39 -1.21 12.08
C ASN A 19 -2.77 -2.57 12.65
N SER A 20 -1.80 -3.43 12.91
CA SER A 20 -2.04 -4.71 13.58
C SER A 20 -1.01 -4.86 14.73
N GLY A 21 -0.89 -3.79 15.51
CA GLY A 21 0.18 -3.65 16.52
C GLY A 21 1.33 -2.80 16.00
N TYR A 22 1.33 -2.51 14.70
CA TYR A 22 2.32 -1.69 14.00
C TYR A 22 1.65 -1.32 12.67
N HIS A 23 2.13 -0.27 12.04
CA HIS A 23 1.66 0.12 10.72
C HIS A 23 2.20 -0.83 9.69
N PHE A 24 1.33 -1.44 8.89
CA PHE A 24 1.77 -2.38 7.85
C PHE A 24 1.32 -2.03 6.43
N CYS A 25 0.29 -1.18 6.28
CA CYS A 25 -0.21 -0.82 4.96
C CYS A 25 -1.01 0.45 5.13
N GLY A 26 -1.25 1.13 4.02
CA GLY A 26 -2.16 2.22 3.97
C GLY A 26 -3.51 1.82 3.38
N GLY A 27 -4.37 2.81 3.25
CA GLY A 27 -5.68 2.69 2.66
C GLY A 27 -6.25 4.03 2.40
N SER A 28 -7.41 4.05 1.75
CA SER A 28 -8.10 5.27 1.40
C SER A 28 -9.57 5.19 1.83
N LEU A 29 -10.02 6.19 2.58
CA LEU A 29 -11.40 6.25 3.03
C LEU A 29 -12.30 6.67 1.88
N ILE A 30 -13.28 5.84 1.53
CA ILE A 30 -14.18 6.18 0.42
C ILE A 30 -15.62 6.54 0.84
N ASN A 31 -16.01 6.26 2.07
CA ASN A 31 -17.23 6.77 2.68
C ASN A 31 -17.06 6.55 4.18
N SER A 32 -18.06 6.88 4.98
CA SER A 32 -17.87 6.82 6.42
C SER A 32 -17.69 5.41 6.94
N GLN A 33 -17.99 4.38 6.16
CA GLN A 33 -17.83 3.03 6.70
CA GLN A 33 -18.01 2.98 6.55
C GLN A 33 -16.93 2.10 5.90
N TRP A 34 -16.24 2.61 4.86
CA TRP A 34 -15.44 1.75 3.98
C TRP A 34 -14.11 2.36 3.57
N VAL A 35 -13.11 1.49 3.58
CA VAL A 35 -11.76 1.80 3.16
C VAL A 35 -11.36 0.90 2.00
N VAL A 36 -10.67 1.50 1.03
CA VAL A 36 -10.03 0.73 -0.05
C VAL A 36 -8.56 0.54 0.25
N SER A 37 -8.09 -0.68 0.08
CA SER A 37 -6.67 -1.00 0.24
C SER A 37 -6.32 -2.07 -0.79
N ALA A 38 -5.13 -2.63 -0.63
CA ALA A 38 -4.63 -3.70 -1.51
C ALA A 38 -4.97 -5.06 -0.94
N ALA A 39 -5.37 -6.00 -1.80
CA ALA A 39 -5.61 -7.38 -1.36
C ALA A 39 -4.38 -8.03 -0.71
N HIS A 40 -3.16 -7.70 -1.16
CA HIS A 40 -2.00 -8.32 -0.58
C HIS A 40 -1.74 -7.85 0.84
N CYS A 41 -2.44 -6.80 1.28
CA CYS A 41 -2.36 -6.37 2.69
C CYS A 41 -3.27 -7.14 3.62
N TYR A 42 -4.06 -8.07 3.10
CA TYR A 42 -4.96 -8.81 3.95
C TYR A 42 -4.21 -9.51 5.09
N LYS A 43 -4.75 -9.41 6.29
CA LYS A 43 -4.32 -10.22 7.44
C LYS A 43 -5.43 -10.13 8.45
N SER A 44 -5.34 -10.98 9.47
CA SER A 44 -6.22 -10.91 10.63
C SER A 44 -5.83 -9.75 11.54
N GLY A 45 -6.82 -9.16 12.18
CA GLY A 45 -6.56 -8.25 13.29
C GLY A 45 -6.16 -6.86 12.85
N ILE A 46 -7.00 -6.24 12.03
CA ILE A 46 -6.69 -4.92 11.49
C ILE A 46 -7.48 -3.85 12.23
N GLN A 47 -6.77 -2.83 12.66
CA GLN A 47 -7.35 -1.60 13.16
C GLN A 47 -7.05 -0.50 12.15
N VAL A 48 -8.09 0.21 11.78
CA VAL A 48 -7.98 1.37 10.89
C VAL A 48 -7.74 2.61 11.72
N ARG A 49 -6.73 3.37 11.35
CA ARG A 49 -6.39 4.62 12.02
C ARG A 49 -6.53 5.76 11.04
N LEU A 50 -7.56 6.57 11.28
CA LEU A 50 -7.92 7.73 10.46
CA LEU A 50 -7.90 7.72 10.46
C LEU A 50 -7.41 8.98 11.14
N GLY A 51 -7.25 10.06 10.39
CA GLY A 51 -6.87 11.33 10.98
C GLY A 51 -5.45 11.40 11.48
N GLU A 52 -4.60 10.47 11.03
CA GLU A 52 -3.21 10.44 11.49
C GLU A 52 -2.33 11.39 10.71
N ASP A 53 -1.36 11.97 11.41
CA ASP A 53 -0.17 12.53 10.79
C ASP A 53 1.03 11.81 11.31
N ASN A 54 1.46 12.13 12.52
CA ASN A 54 2.50 11.36 13.19
C ASN A 54 1.86 10.07 13.72
N ILE A 55 2.19 8.93 13.11
CA ILE A 55 1.58 7.65 13.53
C ILE A 55 2.18 7.12 14.82
N ASN A 56 3.21 7.78 15.33
CA ASN A 56 3.83 7.42 16.61
C ASN A 56 3.52 8.36 17.75
N VAL A 57 2.70 9.37 17.53
CA VAL A 57 2.28 10.31 18.57
C VAL A 57 0.80 10.59 18.42
N VAL A 58 0.09 10.55 19.55
CA VAL A 58 -1.30 10.98 19.60
C VAL A 58 -1.38 12.47 19.53
N GLU A 59 -1.94 12.97 18.42
CA GLU A 59 -2.02 14.39 18.20
C GLU A 59 -3.44 14.94 18.36
N GLY A 60 -4.42 14.07 18.47
CA GLY A 60 -5.80 14.45 18.79
C GLY A 60 -6.85 14.37 17.68
N ASN A 61 -6.41 14.07 16.46
CA ASN A 61 -7.35 13.97 15.36
C ASN A 61 -7.56 12.55 14.93
N GLU A 62 -6.91 11.61 15.62
CA GLU A 62 -7.04 10.21 15.26
C GLU A 62 -8.41 9.67 15.57
N GLN A 63 -8.87 8.78 14.71
CA GLN A 63 -10.00 7.91 15.01
C GLN A 63 -9.49 6.50 14.83
N PHE A 64 -9.72 5.67 15.84
CA PHE A 64 -9.22 4.28 15.89
C PHE A 64 -10.46 3.40 15.77
N ILE A 65 -10.56 2.63 14.69
CA ILE A 65 -11.77 1.86 14.44
C ILE A 65 -11.37 0.49 13.93
N SER A 66 -11.94 -0.56 14.49
CA SER A 66 -11.61 -1.90 14.04
C SER A 66 -12.20 -2.16 12.67
N ALA A 67 -11.48 -2.94 11.88
CA ALA A 67 -12.02 -3.51 10.65
C ALA A 67 -12.94 -4.65 10.97
N SER A 68 -14.23 -4.49 10.70
CA SER A 68 -15.21 -5.56 10.91
C SER A 68 -15.28 -6.57 9.78
N LYS A 69 -14.92 -6.13 8.58
CA LYS A 69 -14.85 -6.99 7.40
C LYS A 69 -13.64 -6.56 6.61
N SER A 70 -12.95 -7.55 6.04
CA SER A 70 -11.81 -7.30 5.16
CA SER A 70 -11.79 -7.36 5.20
C SER A 70 -11.99 -8.27 4.00
N ILE A 71 -12.33 -7.68 2.86
CA ILE A 71 -12.87 -8.42 1.71
C ILE A 71 -11.96 -8.22 0.50
N VAL A 72 -11.13 -9.21 0.22
CA VAL A 72 -10.30 -9.18 -0.96
C VAL A 72 -11.14 -9.40 -2.20
N HIS A 73 -10.69 -8.90 -3.34
CA HIS A 73 -11.34 -9.25 -4.59
C HIS A 73 -11.28 -10.76 -4.76
N PRO A 74 -12.40 -11.44 -5.07
CA PRO A 74 -12.35 -12.89 -5.21
C PRO A 74 -11.42 -13.43 -6.28
N SER A 75 -11.10 -12.59 -7.26
CA SER A 75 -10.18 -12.97 -8.32
C SER A 75 -8.81 -12.37 -8.13
N TYR A 76 -8.51 -11.82 -6.96
CA TYR A 76 -7.14 -11.46 -6.64
C TYR A 76 -6.26 -12.69 -6.87
N ASN A 77 -5.12 -12.49 -7.52
CA ASN A 77 -4.13 -13.52 -7.77
C ASN A 77 -2.88 -13.13 -7.02
N SER A 78 -2.51 -13.93 -6.02
CA SER A 78 -1.41 -13.54 -5.16
C SER A 78 -0.05 -13.70 -5.82
N ASN A 79 0.02 -14.38 -6.96
CA ASN A 79 1.27 -14.50 -7.69
C ASN A 79 1.48 -13.34 -8.64
N THR A 80 0.46 -12.94 -9.37
CA THR A 80 0.61 -11.88 -10.37
C THR A 80 0.20 -10.51 -9.84
N LEU A 81 -0.45 -10.51 -8.70
CA LEU A 81 -1.06 -9.34 -8.09
C LEU A 81 -2.13 -8.70 -8.97
N ASN A 82 -2.70 -9.44 -9.90
CA ASN A 82 -3.87 -8.96 -10.59
C ASN A 82 -5.05 -8.86 -9.61
N ASN A 83 -5.87 -7.85 -9.82
CA ASN A 83 -7.02 -7.56 -8.97
C ASN A 83 -6.62 -7.32 -7.52
N ASP A 84 -5.58 -6.53 -7.37
CA ASP A 84 -5.02 -6.24 -6.05
C ASP A 84 -5.78 -5.11 -5.36
N ILE A 85 -6.96 -5.48 -4.88
CA ILE A 85 -7.86 -4.55 -4.23
C ILE A 85 -8.63 -5.26 -3.14
N MET A 86 -8.86 -4.55 -2.05
CA MET A 86 -9.57 -5.05 -0.90
C MET A 86 -10.44 -3.94 -0.33
N LEU A 87 -11.61 -4.31 0.18
CA LEU A 87 -12.49 -3.40 0.87
C LEU A 87 -12.54 -3.77 2.33
N ILE A 88 -12.34 -2.77 3.18
CA ILE A 88 -12.45 -2.93 4.64
C ILE A 88 -13.64 -2.17 5.14
N LYS A 89 -14.54 -2.86 5.84
CA LYS A 89 -15.66 -2.20 6.50
C LYS A 89 -15.24 -1.86 7.91
N LEU A 90 -15.62 -0.66 8.31
CA LEU A 90 -15.37 -0.19 9.67
C LEU A 90 -16.47 -0.65 10.62
N LYS A 91 -16.07 -1.07 11.80
CA LYS A 91 -17.02 -1.58 12.81
C LYS A 91 -18.04 -0.53 13.22
N SER A 92 -17.58 0.71 13.32
CA SER A 92 -18.45 1.87 13.51
C SER A 92 -18.07 2.90 12.48
N ALA A 93 -18.99 3.78 12.15
CA ALA A 93 -18.73 4.79 11.12
C ALA A 93 -17.71 5.79 11.58
N ALA A 94 -16.82 6.19 10.67
CA ALA A 94 -15.96 7.33 10.91
C ALA A 94 -16.81 8.58 11.05
N SER A 95 -16.32 9.51 11.86
CA SER A 95 -16.96 10.82 11.98
C SER A 95 -16.24 11.74 11.01
N LEU A 96 -16.89 12.06 9.91
CA LEU A 96 -16.24 12.80 8.83
C LEU A 96 -16.17 14.26 9.24
N ASN A 97 -15.01 14.84 8.99
CA ASN A 97 -14.73 16.22 9.34
C ASN A 97 -13.64 16.71 8.41
N SER A 98 -13.01 17.84 8.69
CA SER A 98 -12.05 18.37 7.73
C SER A 98 -10.78 17.53 7.66
N ARG A 99 -10.50 16.79 8.73
CA ARG A 99 -9.29 15.98 8.82
C ARG A 99 -9.49 14.52 8.49
N VAL A 100 -10.74 14.07 8.43
CA VAL A 100 -11.10 12.70 8.13
C VAL A 100 -12.22 12.81 7.09
N ALA A 101 -11.87 12.57 5.83
CA ALA A 101 -12.76 12.81 4.72
C ALA A 101 -12.59 11.77 3.68
N SER A 102 -13.66 11.48 2.96
CA SER A 102 -13.58 10.49 1.92
CA SER A 102 -13.65 10.51 1.88
C SER A 102 -12.97 11.07 0.65
N ILE A 103 -12.46 10.20 -0.19
CA ILE A 103 -12.00 10.55 -1.52
C ILE A 103 -12.96 9.97 -2.55
N SER A 104 -13.30 10.77 -3.56
CA SER A 104 -14.20 10.35 -4.61
CA SER A 104 -14.19 10.36 -4.63
C SER A 104 -13.62 9.23 -5.44
N LEU A 105 -14.47 8.29 -5.79
CA LEU A 105 -14.11 7.28 -6.76
C LEU A 105 -14.13 7.88 -8.15
N PRO A 106 -13.37 7.28 -9.06
CA PRO A 106 -13.40 7.76 -10.43
C PRO A 106 -14.69 7.35 -11.14
N THR A 107 -15.08 8.14 -12.11
CA THR A 107 -16.15 7.87 -13.08
CA THR A 107 -16.13 7.68 -13.02
C THR A 107 -15.55 7.34 -14.39
N SER A 108 -14.29 7.71 -14.64
CA SER A 108 -13.54 7.24 -15.78
CA SER A 108 -13.53 7.27 -15.80
C SER A 108 -12.06 7.14 -15.41
N CYS A 109 -11.30 6.43 -16.21
CA CYS A 109 -9.89 6.22 -15.98
C CYS A 109 -9.11 7.48 -16.29
N ALA A 110 -7.94 7.63 -15.68
CA ALA A 110 -7.06 8.76 -15.93
C ALA A 110 -6.11 8.46 -17.10
N SER A 111 -5.60 9.51 -17.71
CA SER A 111 -4.76 9.37 -18.88
C SER A 111 -3.29 9.51 -18.53
N ALA A 112 -2.47 8.95 -19.41
CA ALA A 112 -1.04 9.09 -19.32
C ALA A 112 -0.65 10.57 -19.23
N GLY A 113 0.30 10.85 -18.37
CA GLY A 113 0.85 12.18 -18.20
C GLY A 113 0.23 12.97 -17.08
N THR A 114 -0.90 12.50 -16.54
CA THR A 114 -1.59 13.16 -15.43
C THR A 114 -0.65 13.10 -14.18
N GLN A 115 -0.29 14.22 -13.52
CA GLN A 115 0.48 14.20 -12.24
C GLN A 115 -0.49 13.94 -11.10
N CYS A 116 -0.24 12.91 -10.31
CA CYS A 116 -1.04 12.42 -9.18
C CYS A 116 -0.25 12.61 -7.89
N LEU A 117 -0.95 12.47 -6.77
CA LEU A 117 -0.35 12.56 -5.45
C LEU A 117 -0.43 11.17 -4.82
N ILE A 118 0.75 10.66 -4.43
CA ILE A 118 0.90 9.36 -3.81
C ILE A 118 1.41 9.62 -2.40
N SER A 119 0.87 8.92 -1.42
CA SER A 119 1.16 9.21 -0.02
C SER A 119 1.26 7.95 0.80
N GLY A 120 2.01 8.05 1.90
CA GLY A 120 2.08 6.95 2.84
C GLY A 120 3.17 7.14 3.88
N TRP A 121 3.22 6.15 4.76
CA TRP A 121 4.18 6.05 5.86
C TRP A 121 5.23 4.96 5.59
N GLY A 122 5.41 4.61 4.33
CA GLY A 122 6.38 3.61 3.97
C GLY A 122 7.81 4.10 4.01
N ASN A 123 8.70 3.19 3.69
CA ASN A 123 10.11 3.40 3.71
C ASN A 123 10.47 4.57 2.83
N THR A 124 11.39 5.37 3.35
CA THR A 124 11.90 6.54 2.64
C THR A 124 13.27 6.29 2.00
N LYS A 125 13.82 5.09 2.20
CA LYS A 125 15.07 4.69 1.57
C LYS A 125 14.87 3.56 0.56
N SER A 126 15.57 3.65 -0.57
CA SER A 126 15.53 2.61 -1.62
C SER A 126 16.53 1.45 -1.37
N SER A 127 17.45 1.67 -0.41
CA SER A 127 18.35 0.63 0.06
C SER A 127 18.42 0.84 1.56
N GLY A 128 18.14 -0.21 2.31
CA GLY A 128 18.06 -0.06 3.76
C GLY A 128 16.68 0.48 4.09
N THR A 129 16.49 0.87 5.35
CA THR A 129 15.16 1.18 5.83
C THR A 129 15.16 2.42 6.74
N SER A 130 14.20 3.29 6.49
CA SER A 130 13.92 4.47 7.31
C SER A 130 12.43 4.73 7.22
N TYR A 131 11.71 4.49 8.30
CA TYR A 131 10.27 4.64 8.32
C TYR A 131 9.94 5.96 9.00
N PRO A 132 9.16 6.81 8.35
CA PRO A 132 8.86 8.12 8.87
C PRO A 132 7.80 8.13 9.96
N ASP A 133 7.85 9.15 10.79
CA ASP A 133 6.75 9.41 11.74
C ASP A 133 5.53 10.05 11.06
N VAL A 134 5.77 11.06 10.21
CA VAL A 134 4.72 11.81 9.61
C VAL A 134 4.48 11.37 8.18
N LEU A 135 3.31 11.75 7.68
CA LEU A 135 2.91 11.31 6.35
C LEU A 135 3.74 11.95 5.27
N LYS A 136 4.21 11.15 4.34
CA LYS A 136 4.99 11.62 3.20
C LYS A 136 4.20 11.54 1.91
N CYS A 137 4.60 12.39 0.98
CA CYS A 137 3.93 12.62 -0.27
C CYS A 137 4.90 12.66 -1.43
N LEU A 138 4.41 12.28 -2.61
CA LEU A 138 5.15 12.33 -3.84
C LEU A 138 4.21 12.73 -4.96
N LYS A 139 4.63 13.69 -5.78
CA LYS A 139 3.95 13.99 -7.01
C LYS A 139 4.56 13.15 -8.10
N ALA A 140 3.73 12.43 -8.86
CA ALA A 140 4.24 11.47 -9.82
C ALA A 140 3.26 11.39 -11.00
N PRO A 141 3.79 11.28 -12.21
CA PRO A 141 2.93 11.12 -13.38
C PRO A 141 2.54 9.70 -13.70
N ILE A 142 1.35 9.55 -14.25
CA ILE A 142 0.93 8.29 -14.83
C ILE A 142 1.70 8.05 -16.13
N LEU A 143 2.30 6.85 -16.25
CA LEU A 143 3.03 6.51 -17.43
C LEU A 143 2.16 5.79 -18.41
N SER A 144 2.54 5.80 -19.68
CA SER A 144 1.80 5.08 -20.69
C SER A 144 1.84 3.58 -20.46
N ASP A 145 0.81 2.91 -20.92
CA ASP A 145 0.77 1.45 -20.82
C ASP A 145 1.99 0.82 -21.51
N SER A 146 2.39 1.38 -22.66
CA SER A 146 3.52 0.78 -23.38
C SER A 146 4.80 0.97 -22.59
N SER A 147 5.00 2.12 -21.94
CA SER A 147 6.16 2.34 -21.09
CA SER A 147 6.17 2.31 -21.09
C SER A 147 6.13 1.38 -19.89
N CYS A 148 4.95 1.18 -19.33
CA CYS A 148 4.80 0.27 -18.20
C CYS A 148 5.17 -1.17 -18.58
N LYS A 149 4.71 -1.61 -19.73
CA LYS A 149 5.05 -2.94 -20.23
C LYS A 149 6.47 -3.08 -20.71
N SER A 150 7.09 -1.98 -21.09
CA SER A 150 8.53 -1.99 -21.40
CA SER A 150 8.52 -1.96 -21.42
C SER A 150 9.35 -2.26 -20.15
N ALA A 151 8.93 -1.65 -19.04
CA ALA A 151 9.59 -1.84 -17.76
C ALA A 151 9.34 -3.23 -17.19
N TYR A 152 8.13 -3.73 -17.35
CA TYR A 152 7.70 -4.96 -16.71
C TYR A 152 7.04 -5.91 -17.72
N PRO A 153 7.77 -6.35 -18.74
CA PRO A 153 7.16 -7.19 -19.77
C PRO A 153 6.60 -8.47 -19.19
N GLY A 154 5.39 -8.80 -19.63
CA GLY A 154 4.73 -10.01 -19.17
C GLY A 154 4.08 -9.92 -17.82
N GLN A 155 4.11 -8.75 -17.16
CA GLN A 155 3.68 -8.61 -15.76
C GLN A 155 2.57 -7.61 -15.53
N ILE A 156 2.19 -6.86 -16.57
CA ILE A 156 1.23 -5.77 -16.43
C ILE A 156 -0.09 -6.21 -17.03
N THR A 157 -1.10 -6.31 -16.20
CA THR A 157 -2.44 -6.63 -16.68
C THR A 157 -3.20 -5.36 -16.96
N SER A 158 -4.40 -5.53 -17.48
CA SER A 158 -5.25 -4.39 -17.73
CA SER A 158 -5.31 -4.44 -17.73
C SER A 158 -5.69 -3.68 -16.45
N ASN A 159 -5.48 -4.31 -15.29
CA ASN A 159 -5.85 -3.75 -13.99
C ASN A 159 -4.71 -3.09 -13.27
N MET A 160 -3.66 -2.73 -14.00
CA MET A 160 -2.47 -2.11 -13.43
C MET A 160 -2.05 -0.96 -14.27
N PHE A 161 -1.47 0.06 -13.63
CA PHE A 161 -0.74 1.13 -14.33
C PHE A 161 0.51 1.47 -13.58
N CYS A 162 1.45 2.02 -14.33
CA CYS A 162 2.69 2.52 -13.77
C CYS A 162 2.60 4.02 -13.54
N ALA A 163 3.20 4.49 -12.46
CA ALA A 163 3.31 5.92 -12.23
C ALA A 163 4.64 6.15 -11.56
N GLY A 164 5.24 7.31 -11.81
CA GLY A 164 6.52 7.63 -11.25
C GLY A 164 7.52 7.98 -12.30
N TYR A 165 8.72 7.45 -12.12
CA TYR A 165 9.92 7.96 -12.78
C TYR A 165 10.73 6.78 -13.24
N LEU A 166 11.36 6.95 -14.38
CA LEU A 166 12.21 5.92 -14.97
C LEU A 166 13.67 6.10 -14.62
N GLU A 167 14.06 7.28 -14.16
CA GLU A 167 15.46 7.58 -13.89
C GLU A 167 15.84 7.38 -12.43
N GLY A 168 14.94 6.84 -11.62
CA GLY A 168 15.31 6.51 -10.26
C GLY A 168 15.08 7.62 -9.25
N GLY A 169 14.98 7.22 -8.01
CA GLY A 169 14.99 8.14 -6.90
C GLY A 169 13.67 8.57 -6.30
N LYS A 170 12.54 8.27 -6.93
CA LYS A 170 11.23 8.77 -6.51
CA LYS A 170 11.25 8.77 -6.49
C LYS A 170 10.19 7.68 -6.68
N ASP A 171 9.60 7.22 -5.58
CA ASP A 171 8.64 6.10 -5.71
C ASP A 171 7.92 5.91 -4.41
N SER A 172 6.88 5.07 -4.45
CA SER A 172 6.32 4.45 -3.25
C SER A 172 7.19 3.26 -2.86
N CYS A 173 7.03 2.79 -1.62
CA CYS A 173 7.89 1.74 -1.12
C CYS A 173 7.20 0.94 -0.04
N GLN A 174 7.87 -0.05 0.52
CA GLN A 174 7.26 -0.91 1.51
C GLN A 174 6.68 -0.10 2.65
N GLY A 175 5.44 -0.42 3.00
CA GLY A 175 4.65 0.33 3.96
C GLY A 175 3.68 1.31 3.34
N ASP A 176 3.83 1.58 2.05
CA ASP A 176 2.90 2.43 1.32
C ASP A 176 1.74 1.66 0.70
N SER A 177 1.88 0.34 0.53
CA SER A 177 0.86 -0.50 -0.10
C SER A 177 -0.49 -0.22 0.43
N GLY A 178 -1.45 -0.22 -0.49
CA GLY A 178 -2.83 -0.03 -0.14
C GLY A 178 -3.27 1.41 -0.14
N GLY A 179 -2.31 2.34 -0.08
CA GLY A 179 -2.59 3.73 -0.03
C GLY A 179 -2.92 4.34 -1.37
N PRO A 180 -3.24 5.61 -1.35
CA PRO A 180 -3.82 6.30 -2.49
C PRO A 180 -2.85 6.82 -3.55
N VAL A 181 -3.34 6.77 -4.78
CA VAL A 181 -2.85 7.56 -5.87
C VAL A 181 -4.07 8.39 -6.32
N VAL A 182 -4.00 9.69 -6.06
CA VAL A 182 -5.15 10.58 -6.30
C VAL A 182 -4.78 11.53 -7.42
N CYS A 183 -5.66 11.60 -8.41
CA CYS A 183 -5.43 12.34 -9.66
C CYS A 183 -6.70 13.12 -9.90
N SER A 184 -6.56 14.41 -9.95
CA SER A 184 -7.72 15.24 -10.29
CA SER A 184 -7.68 15.34 -10.10
C SER A 184 -8.87 15.01 -9.26
N GLY A 185 -8.58 14.86 -7.96
CA GLY A 185 -9.63 14.65 -6.96
C GLY A 185 -10.28 13.29 -6.93
N LYS A 186 -9.71 12.32 -7.65
CA LYS A 186 -10.29 10.98 -7.74
CA LYS A 186 -10.26 10.99 -7.78
C LYS A 186 -9.23 9.96 -7.36
N LEU A 187 -9.68 8.93 -6.67
CA LEU A 187 -8.81 7.80 -6.32
C LEU A 187 -8.62 6.92 -7.55
N GLN A 188 -7.49 7.08 -8.23
CA GLN A 188 -7.23 6.34 -9.44
C GLN A 188 -6.35 5.10 -9.22
N GLY A 189 -5.58 5.10 -8.15
CA GLY A 189 -4.71 3.97 -7.91
C GLY A 189 -4.58 3.57 -6.49
N ILE A 190 -4.10 2.36 -6.33
CA ILE A 190 -3.78 1.76 -5.04
C ILE A 190 -2.30 1.34 -5.14
N VAL A 191 -1.47 1.76 -4.18
CA VAL A 191 -0.09 1.32 -4.15
C VAL A 191 -0.04 -0.20 -4.09
N SER A 192 0.64 -0.81 -5.05
CA SER A 192 0.62 -2.28 -5.20
C SER A 192 2.00 -2.92 -5.17
N TRP A 193 2.83 -2.71 -6.19
CA TRP A 193 4.11 -3.43 -6.26
C TRP A 193 5.10 -2.69 -7.16
N GLY A 194 6.33 -3.20 -7.18
CA GLY A 194 7.34 -2.77 -8.13
C GLY A 194 8.58 -3.55 -7.87
N SER A 195 9.55 -3.40 -8.76
CA SER A 195 10.85 -4.03 -8.56
CA SER A 195 10.85 -4.05 -8.54
C SER A 195 11.68 -3.19 -7.60
N GLY A 196 11.63 -3.54 -6.31
CA GLY A 196 12.19 -2.66 -5.31
C GLY A 196 11.46 -1.33 -5.29
N CYS A 197 12.19 -0.30 -4.91
CA CYS A 197 11.66 1.06 -4.84
C CYS A 197 12.61 2.02 -5.44
N ALA A 198 12.10 2.92 -6.28
CA ALA A 198 12.88 4.03 -6.81
C ALA A 198 14.07 3.58 -7.63
N GLN A 199 13.96 2.41 -8.26
CA GLN A 199 15.03 1.88 -9.12
C GLN A 199 14.86 2.37 -10.54
N LYS A 200 15.97 2.59 -11.21
CA LYS A 200 15.97 2.98 -12.62
CA LYS A 200 15.95 2.98 -12.62
C LYS A 200 15.21 1.95 -13.46
N ASN A 201 14.40 2.42 -14.40
CA ASN A 201 13.67 1.61 -15.33
C ASN A 201 12.56 0.78 -14.68
N LYS A 202 12.25 1.04 -13.40
CA LYS A 202 11.30 0.22 -12.67
CA LYS A 202 11.30 0.22 -12.67
C LYS A 202 10.38 1.11 -11.84
N PRO A 203 9.43 1.74 -12.51
CA PRO A 203 8.51 2.61 -11.80
C PRO A 203 7.54 1.82 -10.93
N GLY A 204 6.86 2.49 -10.02
CA GLY A 204 5.84 1.80 -9.26
C GLY A 204 4.67 1.37 -10.10
N VAL A 205 4.05 0.26 -9.68
CA VAL A 205 2.85 -0.33 -10.28
C VAL A 205 1.71 -0.20 -9.29
N TYR A 206 0.55 0.16 -9.81
CA TYR A 206 -0.62 0.54 -9.04
C TYR A 206 -1.87 -0.16 -9.56
N THR A 207 -2.76 -0.55 -8.67
CA THR A 207 -4.04 -1.11 -9.08
C THR A 207 -4.88 -0.01 -9.71
N LYS A 208 -5.50 -0.35 -10.85
CA LYS A 208 -6.23 0.65 -11.64
C LYS A 208 -7.71 0.68 -11.17
N VAL A 209 -7.97 1.58 -10.23
CA VAL A 209 -9.23 1.62 -9.48
C VAL A 209 -10.44 1.83 -10.43
N CYS A 210 -10.26 2.56 -11.52
CA CYS A 210 -11.40 2.82 -12.40
C CYS A 210 -12.05 1.55 -12.98
N ASN A 211 -11.33 0.44 -13.01
CA ASN A 211 -11.87 -0.81 -13.49
C ASN A 211 -12.78 -1.51 -12.48
N TYR A 212 -12.79 -1.03 -11.23
CA TYR A 212 -13.44 -1.74 -10.13
C TYR A 212 -14.62 -1.00 -9.56
N VAL A 213 -15.08 0.05 -10.21
CA VAL A 213 -16.21 0.84 -9.68
CA VAL A 213 -16.12 0.84 -9.55
C VAL A 213 -17.41 -0.01 -9.39
N SER A 214 -17.77 -0.87 -10.36
CA SER A 214 -18.95 -1.75 -10.17
CA SER A 214 -18.94 -1.77 -10.21
C SER A 214 -18.75 -2.73 -9.03
N TRP A 215 -17.58 -3.33 -8.93
CA TRP A 215 -17.28 -4.27 -7.87
C TRP A 215 -17.34 -3.57 -6.52
N ILE A 216 -16.78 -2.37 -6.44
CA ILE A 216 -16.78 -1.64 -5.18
C ILE A 216 -18.21 -1.36 -4.76
N LYS A 217 -19.00 -0.84 -5.68
CA LYS A 217 -20.39 -0.52 -5.38
C LYS A 217 -21.19 -1.73 -4.95
N GLN A 218 -21.00 -2.83 -5.66
CA GLN A 218 -21.76 -4.03 -5.35
CA GLN A 218 -21.72 -4.08 -5.38
C GLN A 218 -21.34 -4.65 -4.02
N THR A 219 -20.06 -4.69 -3.77
CA THR A 219 -19.50 -5.13 -2.48
C THR A 219 -20.01 -4.33 -1.29
N ILE A 220 -20.00 -3.01 -1.40
CA ILE A 220 -20.53 -2.16 -0.36
C ILE A 220 -22.03 -2.40 -0.17
N ALA A 221 -22.76 -2.55 -1.27
CA ALA A 221 -24.22 -2.76 -1.18
C ALA A 221 -24.55 -4.08 -0.50
N SER A 222 -23.69 -5.08 -0.65
CA SER A 222 -24.00 -6.44 -0.23
CA SER A 222 -24.00 -6.43 -0.22
C SER A 222 -23.33 -6.87 1.08
N ASN A 223 -22.64 -5.97 1.77
CA ASN A 223 -21.93 -6.32 2.97
C ASN A 223 -22.04 -5.25 4.01
N CYS B 1 20.65 -10.62 16.77
CA CYS B 1 21.00 -11.64 15.73
C CYS B 1 21.81 -10.99 14.60
N THR B 2 23.07 -11.36 14.45
CA THR B 2 23.90 -10.83 13.35
C THR B 2 23.99 -11.85 12.20
N VAL B 3 23.62 -11.40 11.02
CA VAL B 3 23.70 -12.20 9.81
C VAL B 3 25.01 -11.87 9.08
N PRO B 4 25.85 -12.88 8.77
CA PRO B 4 27.14 -12.49 8.13
C PRO B 4 26.95 -12.01 6.70
N ILE B 5 27.87 -11.17 6.26
CA ILE B 5 27.91 -10.73 4.90
C ILE B 5 27.96 -11.98 4.02
N GLY B 6 27.16 -11.98 2.97
CA GLY B 6 27.13 -13.07 2.03
C GLY B 6 26.04 -14.08 2.29
N TRP B 7 25.45 -14.07 3.47
CA TRP B 7 24.37 -15.01 3.80
C TRP B 7 23.16 -14.77 2.94
N SER B 8 22.45 -15.83 2.59
CA SER B 8 21.23 -15.74 1.81
CA SER B 8 21.26 -15.67 1.81
C SER B 8 20.09 -15.36 2.73
N GLU B 9 19.57 -14.17 2.54
CA GLU B 9 18.46 -13.66 3.33
C GLU B 9 17.16 -13.87 2.57
N PRO B 10 16.03 -13.63 3.21
CA PRO B 10 14.82 -13.88 2.54
C PRO B 10 14.63 -13.06 1.27
N VAL B 11 14.01 -13.62 0.26
CA VAL B 11 13.75 -12.90 -0.97
C VAL B 11 12.74 -11.80 -0.66
N LYS B 12 13.08 -10.58 -1.05
CA LYS B 12 12.16 -9.45 -0.89
C LYS B 12 10.98 -9.58 -1.83
N GLY B 13 9.77 -9.45 -1.30
CA GLY B 13 8.60 -9.44 -2.13
C GLY B 13 8.50 -8.15 -2.90
N LEU B 14 7.85 -8.21 -4.07
CA LEU B 14 7.61 -7.01 -4.90
C LEU B 14 6.51 -6.16 -4.37
N CYS B 15 5.56 -6.71 -3.62
CA CYS B 15 4.50 -5.89 -3.06
C CYS B 15 5.08 -4.88 -2.09
N LYS B 16 4.28 -3.86 -1.78
CA LYS B 16 4.71 -2.76 -0.95
C LYS B 16 4.08 -2.73 0.45
N ALA B 17 3.77 -3.90 1.00
CA ALA B 17 3.39 -4.00 2.42
C ALA B 17 4.64 -3.91 3.27
N ARG B 18 4.45 -3.53 4.54
CA ARG B 18 5.50 -3.66 5.56
C ARG B 18 5.00 -4.57 6.66
N PHE B 19 5.01 -5.86 6.40
CA PHE B 19 4.79 -6.86 7.44
C PHE B 19 6.07 -7.02 8.26
N THR B 20 5.91 -7.42 9.53
CA THR B 20 7.02 -7.77 10.40
C THR B 20 7.07 -9.29 10.51
N ARG B 21 8.14 -9.89 10.02
CA ARG B 21 8.31 -11.35 10.08
C ARG B 21 9.63 -11.69 10.70
N TYR B 22 9.69 -12.86 11.34
CA TYR B 22 10.91 -13.34 11.96
C TYR B 22 11.38 -14.57 11.21
N TYR B 23 12.62 -14.53 10.73
CA TYR B 23 13.21 -15.63 9.97
C TYR B 23 14.45 -16.13 10.67
N CYS B 24 14.62 -17.43 10.64
CA CYS B 24 15.83 -18.05 11.15
C CYS B 24 16.98 -17.88 10.17
N MET B 25 18.00 -17.16 10.61
CA MET B 25 19.19 -16.89 9.80
CA MET B 25 19.18 -16.91 9.80
C MET B 25 20.37 -17.58 10.49
N GLY B 26 20.60 -18.83 10.16
CA GLY B 26 21.69 -19.59 10.78
C GLY B 26 21.31 -19.99 12.19
N ASN B 27 21.90 -19.35 13.17
CA ASN B 27 21.73 -19.71 14.57
C ASN B 27 20.59 -19.02 15.25
N CYS B 28 20.11 -17.92 14.68
CA CYS B 28 19.18 -17.02 15.36
C CYS B 28 18.17 -16.40 14.43
N CYS B 29 17.04 -15.98 15.01
CA CYS B 29 15.99 -15.34 14.27
C CYS B 29 16.20 -13.85 14.24
N LYS B 30 15.96 -13.30 13.05
CA LYS B 30 16.10 -11.89 12.80
C LYS B 30 14.78 -11.35 12.24
N VAL B 31 14.50 -10.11 12.57
CA VAL B 31 13.31 -9.46 12.08
CA VAL B 31 13.32 -9.41 12.07
C VAL B 31 13.53 -8.92 10.67
N TYR B 32 12.51 -9.10 9.84
CA TYR B 32 12.47 -8.57 8.48
C TYR B 32 11.18 -7.78 8.34
N GLU B 33 11.29 -6.60 7.76
CA GLU B 33 10.15 -5.69 7.59
C GLU B 33 9.98 -5.40 6.11
N GLY B 34 8.83 -5.75 5.54
CA GLY B 34 8.62 -5.57 4.11
C GLY B 34 7.61 -6.57 3.63
N CYS B 35 7.67 -6.88 2.34
CA CYS B 35 6.69 -7.77 1.72
C CYS B 35 7.14 -9.21 1.86
N TYR B 36 7.03 -9.70 3.06
CA TYR B 36 7.52 -11.03 3.42
C TYR B 36 6.34 -11.84 3.89
N THR B 37 6.19 -13.03 3.31
CA THR B 37 5.14 -13.98 3.67
C THR B 37 5.70 -15.20 4.39
N GLY B 38 7.00 -15.41 4.35
CA GLY B 38 7.62 -16.54 5.03
C GLY B 38 7.95 -16.22 6.47
N GLY B 39 8.80 -17.04 7.05
CA GLY B 39 9.13 -16.90 8.45
C GLY B 39 7.90 -17.04 9.32
N TYR B 40 7.97 -16.35 10.45
CA TYR B 40 6.95 -16.47 11.49
CA TYR B 40 7.03 -16.46 11.54
C TYR B 40 6.48 -15.09 11.91
N SER B 41 5.22 -14.98 12.31
CA SER B 41 4.78 -13.67 12.83
C SER B 41 5.18 -13.46 14.26
N ARG B 42 5.49 -14.53 15.01
CA ARG B 42 5.92 -14.42 16.39
C ARG B 42 7.38 -14.83 16.49
N MET B 43 8.17 -14.00 17.15
CA MET B 43 9.58 -14.29 17.40
C MET B 43 9.77 -15.64 18.07
N GLY B 44 8.96 -15.95 19.07
CA GLY B 44 9.17 -17.19 19.81
C GLY B 44 8.91 -18.42 18.97
N GLU B 45 8.00 -18.32 18.02
CA GLU B 45 7.74 -19.45 17.13
C GLU B 45 8.93 -19.63 16.18
N CYS B 46 9.54 -18.55 15.69
CA CYS B 46 10.77 -18.67 14.92
C CYS B 46 11.87 -19.29 15.77
N ALA B 47 12.04 -18.76 16.98
CA ALA B 47 13.19 -19.16 17.79
C ALA B 47 13.20 -20.65 18.12
N ARG B 48 12.03 -21.22 18.38
CA ARG B 48 12.00 -22.64 18.71
C ARG B 48 12.22 -23.51 17.48
N ASN B 49 12.20 -22.89 16.30
CA ASN B 49 12.46 -23.52 15.02
C ASN B 49 13.78 -23.10 14.41
N CYS B 50 14.74 -22.66 15.23
CA CYS B 50 15.99 -22.09 14.72
C CYS B 50 17.12 -22.58 15.62
N PRO B 51 18.18 -23.18 15.03
CA PRO B 51 18.42 -23.42 13.62
C PRO B 51 17.47 -24.39 13.02
N ALA B 52 17.49 -24.38 11.70
CA ALA B 52 16.90 -25.46 10.94
C ALA B 52 17.55 -25.55 9.55
#